data_5HLK
#
_entry.id   5HLK
#
_cell.length_a   47.621
_cell.length_b   48.327
_cell.length_c   63.531
_cell.angle_alpha   96.94
_cell.angle_beta   108.78
_cell.angle_gamma   106.70
#
_symmetry.space_group_name_H-M   'P 1'
#
loop_
_entity.id
_entity.type
_entity.pdbx_description
1 polymer 'Type-2 restriction enzyme EcoRV'
2 polymer "DNA (5'-D(*AP*AP*AP*GP*AP*TP)-3')"
3 polymer "DNA (5'-D(*AP*TP*CP*TP*TP*TP)-3')"
4 non-polymer 1,2-ETHANEDIOL
5 non-polymer 'SODIUM ION'
6 non-polymer 'LUTETIUM (III) ION'
7 water water
#
loop_
_entity_poly.entity_id
_entity_poly.type
_entity_poly.pdbx_seq_one_letter_code
_entity_poly.pdbx_strand_id
1 'polypeptide(L)'
;SLRSDLINALYDENQKYDVCGIISAEGKIYPLGSDTKVLSTIFELFSRPIINKIAEKHGYIVEEPKQQNHYPDFTLYKPS
EPNKKIAIDIKTTYTNKENEKIKFTLGGYTSFIRNNTKNIVYPFDQYIAHWIIGYVYTRVATRKSSLKTYNINELNEIPK
PYKGVKVFLQDKWVIAGDLAGSGNTTNIGSIHAHYKDFVEGKGIFDSEDEFLDYWRNYERTSQLRNDKYNNISEYRNWIY
RGRK
;
A,B
2 'polydeoxyribonucleotide' (DA)(DA)(DA)(DG)(DA)(DT) C,D
3 'polydeoxyribonucleotide' (DA)(DT)(DC)(DT)(DT)(DT) E,F
#
# COMPACT_ATOMS: atom_id res chain seq x y z
N SER A 1 -3.29 4.07 32.44
CA SER A 1 -2.76 5.15 31.59
C SER A 1 -3.38 5.03 30.18
N LEU A 2 -3.09 6.05 29.40
CA LEU A 2 -3.38 6.10 27.97
C LEU A 2 -2.99 4.79 27.31
N ARG A 3 -1.69 4.50 27.42
CA ARG A 3 -1.09 3.29 26.88
C ARG A 3 -1.81 1.98 27.26
N SER A 4 -2.03 1.79 28.55
CA SER A 4 -2.56 0.50 29.02
C SER A 4 -4.01 0.33 28.57
N ASP A 5 -4.75 1.44 28.56
CA ASP A 5 -6.09 1.44 28.02
C ASP A 5 -6.13 1.30 26.52
N LEU A 6 -5.11 1.78 25.85
CA LEU A 6 -5.14 1.64 24.43
C LEU A 6 -4.95 0.18 24.05
N ILE A 7 -3.90 -0.41 24.61
CA ILE A 7 -3.65 -1.80 24.28
C ILE A 7 -4.82 -2.64 24.64
N ASN A 8 -5.44 -2.43 25.81
CA ASN A 8 -6.59 -3.25 26.26
C ASN A 8 -7.74 -3.12 25.25
N ALA A 9 -7.95 -1.91 24.75
CA ALA A 9 -9.05 -1.66 23.81
C ALA A 9 -8.79 -2.31 22.42
N LEU A 10 -7.53 -2.25 21.98
CA LEU A 10 -7.13 -2.87 20.71
C LEU A 10 -7.28 -4.41 20.83
N TYR A 11 -6.74 -4.94 21.93
CA TYR A 11 -6.76 -6.35 22.19
C TYR A 11 -8.20 -6.83 22.13
N ASP A 12 -9.07 -6.11 22.81
CA ASP A 12 -10.49 -6.43 22.88
C ASP A 12 -11.23 -6.25 21.59
N GLU A 13 -10.94 -5.21 20.83
CA GLU A 13 -11.64 -5.00 19.55
C GLU A 13 -11.30 -6.14 18.59
N ASN A 14 -10.01 -6.51 18.56
CA ASN A 14 -9.50 -7.64 17.73
C ASN A 14 -10.19 -8.98 18.05
N GLN A 15 -10.33 -9.28 19.33
CA GLN A 15 -11.07 -10.46 19.77
C GLN A 15 -12.54 -10.51 19.34
N LYS A 16 -13.23 -9.36 19.43
CA LYS A 16 -14.69 -9.29 19.16
C LYS A 16 -15.14 -9.07 17.75
N TYR A 17 -14.29 -8.54 16.86
CA TYR A 17 -14.71 -8.12 15.53
C TYR A 17 -13.76 -8.69 14.45
N ASP A 18 -14.36 -9.29 13.42
CA ASP A 18 -13.67 -9.86 12.32
C ASP A 18 -14.09 -9.14 11.10
N VAL A 19 -13.17 -8.36 10.57
CA VAL A 19 -13.38 -7.65 9.32
C VAL A 19 -13.45 -8.63 8.20
N CYS A 20 -14.38 -8.35 7.27
CA CYS A 20 -14.75 -9.34 6.23
C CYS A 20 -15.10 -8.80 4.84
N GLY A 21 -15.28 -7.48 4.69
CA GLY A 21 -15.53 -6.96 3.40
C GLY A 21 -15.55 -5.46 3.37
N ILE A 22 -15.68 -4.95 2.17
CA ILE A 22 -15.86 -3.56 1.96
C ILE A 22 -17.34 -3.37 1.70
N ILE A 23 -17.98 -2.49 2.46
CA ILE A 23 -19.39 -2.21 2.22
C ILE A 23 -19.64 -0.91 1.46
N SER A 24 -20.59 -0.97 0.50
CA SER A 24 -21.16 0.21 -0.20
C SER A 24 -22.32 0.91 0.57
N ALA A 25 -22.59 2.16 0.21
CA ALA A 25 -23.74 2.92 0.82
C ALA A 25 -25.07 2.24 0.53
N GLU A 26 -25.11 1.63 -0.64
CA GLU A 26 -26.23 0.87 -1.13
C GLU A 26 -26.36 -0.54 -0.51
N GLY A 27 -25.38 -0.98 0.29
CA GLY A 27 -25.42 -2.28 1.01
C GLY A 27 -24.70 -3.50 0.41
N LYS A 28 -24.07 -3.32 -0.75
CA LYS A 28 -23.37 -4.43 -1.40
C LYS A 28 -21.95 -4.59 -0.80
N ILE A 29 -21.53 -5.82 -0.57
CA ILE A 29 -20.29 -6.11 0.13
C ILE A 29 -19.29 -6.78 -0.81
N TYR A 30 -18.08 -6.22 -0.81
CA TYR A 30 -17.00 -6.77 -1.63
C TYR A 30 -16.05 -7.47 -0.69
N PRO A 31 -15.78 -8.77 -0.90
CA PRO A 31 -14.82 -9.46 -0.03
C PRO A 31 -13.37 -9.00 -0.11
N LEU A 32 -12.64 -9.32 0.94
CA LEU A 32 -11.24 -8.95 1.07
C LEU A 32 -10.38 -9.98 0.35
N GLY A 33 -9.19 -9.54 -0.08
CA GLY A 33 -8.09 -10.42 -0.51
C GLY A 33 -7.13 -10.69 0.66
N SER A 34 -6.24 -11.66 0.50
CA SER A 34 -5.46 -12.19 1.63
C SER A 34 -3.99 -11.76 1.65
N ASP A 35 -3.73 -10.54 1.18
CA ASP A 35 -2.36 -10.04 1.09
C ASP A 35 -2.21 -8.85 2.01
N THR A 36 -0.97 -8.43 2.24
CA THR A 36 -0.71 -7.40 3.25
C THR A 36 -1.07 -6.01 2.74
N LYS A 37 -1.01 -5.76 1.43
CA LYS A 37 -1.53 -4.47 0.93
C LYS A 37 -2.97 -4.30 1.45
N VAL A 38 -3.79 -5.33 1.31
CA VAL A 38 -5.17 -5.25 1.77
C VAL A 38 -5.25 -5.14 3.29
N LEU A 39 -4.67 -6.11 3.99
CA LEU A 39 -4.82 -6.12 5.46
C LEU A 39 -4.17 -5.00 6.24
N SER A 40 -3.00 -4.54 5.84
CA SER A 40 -2.39 -3.41 6.54
C SER A 40 -3.34 -2.26 6.51
N THR A 41 -3.90 -2.01 5.32
CA THR A 41 -4.82 -0.94 5.17
C THR A 41 -6.07 -1.17 6.00
N ILE A 42 -6.57 -2.39 5.99
CA ILE A 42 -7.76 -2.67 6.76
C ILE A 42 -7.43 -2.48 8.27
N PHE A 43 -6.26 -2.98 8.71
CA PHE A 43 -5.95 -2.93 10.15
C PHE A 43 -5.78 -1.51 10.68
N GLU A 44 -5.25 -0.61 9.84
CA GLU A 44 -5.21 0.81 10.19
CA GLU A 44 -5.20 0.83 10.15
C GLU A 44 -6.58 1.39 10.37
N LEU A 45 -7.44 1.19 9.40
CA LEU A 45 -8.80 1.71 9.46
C LEU A 45 -9.54 1.13 10.67
N PHE A 46 -9.29 -0.15 10.95
CA PHE A 46 -9.86 -0.86 12.12
C PHE A 46 -9.45 -0.18 13.44
N SER A 47 -8.20 0.25 13.49
CA SER A 47 -7.58 0.79 14.70
C SER A 47 -8.00 2.24 14.97
N ARG A 48 -8.24 3.03 13.91
CA ARG A 48 -8.56 4.47 14.05
C ARG A 48 -9.63 4.88 15.06
N PRO A 49 -10.83 4.33 15.01
CA PRO A 49 -11.86 4.73 16.01
C PRO A 49 -11.54 4.32 17.46
N ILE A 50 -10.73 3.27 17.63
CA ILE A 50 -10.36 2.80 18.95
C ILE A 50 -9.35 3.77 19.49
N ILE A 51 -8.34 4.06 18.68
CA ILE A 51 -7.31 5.00 19.05
C ILE A 51 -7.99 6.32 19.45
N ASN A 52 -8.93 6.83 18.61
CA ASN A 52 -9.63 8.10 18.94
CA ASN A 52 -9.62 8.11 18.92
C ASN A 52 -10.45 8.07 20.21
N LYS A 53 -11.19 6.99 20.43
CA LYS A 53 -12.04 6.87 21.62
C LYS A 53 -11.21 6.99 22.90
N ILE A 54 -10.09 6.23 22.94
CA ILE A 54 -9.20 6.14 24.12
C ILE A 54 -8.39 7.43 24.36
N ALA A 55 -7.87 8.02 23.30
CA ALA A 55 -7.26 9.35 23.35
C ALA A 55 -8.21 10.41 23.92
N GLU A 56 -9.46 10.34 23.49
CA GLU A 56 -10.49 11.30 23.88
C GLU A 56 -10.76 11.12 25.37
N LYS A 57 -10.91 9.88 25.84
CA LYS A 57 -11.11 9.56 27.26
C LYS A 57 -10.02 10.13 28.22
N HIS A 58 -8.78 10.16 27.72
CA HIS A 58 -7.63 10.68 28.44
C HIS A 58 -7.28 12.15 28.07
N GLY A 59 -8.14 12.87 27.33
CA GLY A 59 -7.98 14.31 27.04
C GLY A 59 -6.93 14.59 25.99
N TYR A 60 -6.63 13.61 25.14
CA TYR A 60 -5.67 13.84 24.05
C TYR A 60 -6.42 14.19 22.75
N ILE A 61 -5.89 15.14 22.03
CA ILE A 61 -6.31 15.42 20.67
C ILE A 61 -5.65 14.36 19.78
N VAL A 62 -6.27 13.98 18.65
CA VAL A 62 -5.68 13.12 17.62
C VAL A 62 -5.58 13.80 16.24
N GLU A 63 -4.39 13.83 15.63
CA GLU A 63 -4.22 14.29 14.27
C GLU A 63 -3.58 13.22 13.42
N GLU A 64 -4.11 13.11 12.21
CA GLU A 64 -3.59 12.27 11.20
C GLU A 64 -2.84 13.19 10.21
N PRO A 65 -1.89 12.64 9.47
CA PRO A 65 -1.19 13.48 8.54
C PRO A 65 -2.14 14.08 7.47
N LYS A 66 -1.80 15.27 7.05
CA LYS A 66 -2.54 16.03 6.06
C LYS A 66 -2.06 15.72 4.67
N GLN A 67 -0.77 15.42 4.53
CA GLN A 67 -0.19 14.89 3.33
C GLN A 67 0.17 13.42 3.52
N GLN A 68 0.23 12.70 2.41
CA GLN A 68 0.41 11.24 2.44
C GLN A 68 1.86 10.78 2.72
N ASN A 69 2.83 11.69 2.59
CA ASN A 69 4.22 11.35 2.77
C ASN A 69 4.78 11.62 4.18
N HIS A 70 3.92 11.61 5.19
CA HIS A 70 4.27 12.03 6.55
C HIS A 70 4.00 10.94 7.57
N TYR A 71 5.02 10.64 8.36
CA TYR A 71 4.86 9.94 9.65
C TYR A 71 4.33 10.93 10.68
N PRO A 72 3.53 10.52 11.66
CA PRO A 72 3.11 9.13 11.87
C PRO A 72 1.64 8.99 11.52
N ASP A 73 1.11 7.79 11.49
CA ASP A 73 -0.36 7.61 11.32
C ASP A 73 -1.18 8.45 12.25
N PHE A 74 -0.74 8.53 13.50
CA PHE A 74 -1.43 9.26 14.50
C PHE A 74 -0.48 9.97 15.43
N THR A 75 -0.77 11.28 15.58
CA THR A 75 -0.21 12.13 16.59
C THR A 75 -1.23 12.42 17.69
N LEU A 76 -0.88 12.03 18.93
CA LEU A 76 -1.69 12.26 20.12
C LEU A 76 -1.00 13.33 20.95
N TYR A 77 -1.77 14.33 21.41
CA TYR A 77 -1.28 15.26 22.42
C TYR A 77 -2.38 16.03 23.19
N LYS A 78 -2.10 16.27 24.48
CA LYS A 78 -2.80 17.26 25.32
C LYS A 78 -2.40 18.68 24.87
N PRO A 79 -3.40 19.57 24.73
CA PRO A 79 -3.11 20.99 24.49
C PRO A 79 -2.05 21.55 25.43
N SER A 80 -2.07 21.12 26.70
CA SER A 80 -1.11 21.58 27.72
C SER A 80 0.35 21.07 27.61
N GLU A 81 0.58 20.09 26.73
CA GLU A 81 1.88 19.40 26.67
C GLU A 81 2.25 19.28 25.20
N PRO A 82 2.45 20.43 24.54
CA PRO A 82 2.70 20.38 23.10
C PRO A 82 4.02 19.81 22.71
N ASN A 83 4.96 19.76 23.64
CA ASN A 83 6.22 19.11 23.38
C ASN A 83 6.30 17.72 23.99
N LYS A 84 5.16 17.12 24.39
CA LYS A 84 5.13 15.66 24.70
C LYS A 84 4.15 14.93 23.80
N LYS A 85 4.27 15.14 22.50
CA LYS A 85 3.42 14.44 21.56
C LYS A 85 3.80 12.93 21.53
N ILE A 86 2.83 12.10 21.19
CA ILE A 86 3.01 10.65 21.05
C ILE A 86 2.68 10.27 19.62
N ALA A 87 3.64 9.63 18.97
CA ALA A 87 3.53 9.12 17.62
C ALA A 87 3.14 7.65 17.70
N ILE A 88 2.17 7.24 16.89
CA ILE A 88 1.71 5.86 16.83
C ILE A 88 1.66 5.58 15.32
N ASP A 89 2.35 4.51 14.89
CA ASP A 89 2.25 3.95 13.56
C ASP A 89 1.72 2.52 13.66
N ILE A 90 0.95 2.12 12.66
CA ILE A 90 0.40 0.78 12.61
C ILE A 90 1.15 0.00 11.57
N LYS A 91 1.67 -1.14 11.98
CA LYS A 91 2.44 -1.97 11.13
C LYS A 91 1.82 -3.36 11.11
N THR A 92 1.93 -4.02 9.95
CA THR A 92 1.35 -5.29 9.69
C THR A 92 2.37 -6.21 8.98
N THR A 93 2.38 -7.45 9.41
CA THR A 93 3.04 -8.51 8.64
C THR A 93 2.29 -9.80 8.84
N TYR A 94 2.72 -10.88 8.20
CA TYR A 94 1.99 -12.16 8.28
C TYR A 94 2.85 -13.37 8.60
N THR A 95 2.21 -14.47 8.94
CA THR A 95 2.88 -15.77 8.90
C THR A 95 2.11 -16.75 8.05
N ASN A 96 2.80 -17.79 7.59
CA ASN A 96 2.11 -18.90 6.94
C ASN A 96 1.55 -19.95 7.92
N LYS A 97 2.14 -20.03 9.11
CA LYS A 97 1.61 -20.87 10.22
C LYS A 97 1.77 -20.10 11.51
N GLU A 98 0.96 -20.41 12.52
CA GLU A 98 1.02 -19.70 13.83
C GLU A 98 2.36 -19.98 14.52
N ASN A 99 2.82 -19.00 15.30
CA ASN A 99 4.06 -19.13 16.07
C ASN A 99 5.33 -19.32 15.17
N GLU A 100 5.34 -18.69 14.00
CA GLU A 100 6.56 -18.57 13.19
C GLU A 100 7.13 -17.22 13.57
N LYS A 101 8.40 -17.01 13.27
CA LYS A 101 9.04 -15.70 13.46
C LYS A 101 8.52 -14.62 12.49
N ILE A 102 8.53 -13.36 12.95
CA ILE A 102 8.01 -12.26 12.13
C ILE A 102 8.95 -11.05 12.23
N LYS A 103 8.79 -10.16 11.29
CA LYS A 103 9.51 -8.87 11.32
C LYS A 103 8.69 -7.80 10.64
N PHE A 104 8.94 -6.55 11.00
CA PHE A 104 8.26 -5.42 10.45
C PHE A 104 9.28 -4.46 9.90
N THR A 105 8.81 -3.65 8.97
CA THR A 105 9.55 -2.52 8.44
C THR A 105 9.07 -1.34 9.24
N LEU A 106 9.99 -0.71 9.95
CA LEU A 106 9.65 0.34 10.90
C LEU A 106 9.85 1.74 10.40
N GLY A 107 9.75 1.99 9.10
CA GLY A 107 9.86 3.36 8.56
C GLY A 107 11.29 3.71 8.19
N GLY A 108 11.47 4.79 7.48
CA GLY A 108 12.79 5.25 7.05
C GLY A 108 13.77 5.55 8.14
N TYR A 109 15.06 5.36 7.83
CA TYR A 109 16.13 5.82 8.69
C TYR A 109 16.79 7.05 8.17
N THR A 110 16.33 7.64 7.06
CA THR A 110 16.95 8.85 6.57
C THR A 110 16.06 10.12 6.54
N SER A 111 14.89 10.10 7.14
CA SER A 111 14.00 11.24 7.04
C SER A 111 14.02 11.92 8.40
N PHE A 112 12.88 11.99 9.12
CA PHE A 112 12.75 12.59 10.48
C PHE A 112 13.84 12.13 11.47
N ILE A 113 14.36 10.90 11.37
CA ILE A 113 15.40 10.59 12.35
C ILE A 113 16.73 11.28 12.15
N ARG A 114 17.05 11.76 10.94
CA ARG A 114 18.26 12.57 10.70
C ARG A 114 17.97 14.05 10.45
N ASN A 115 16.70 14.40 10.33
CA ASN A 115 16.32 15.76 10.05
C ASN A 115 14.98 16.03 10.66
N ASN A 116 15.01 16.87 11.65
CA ASN A 116 13.96 17.02 12.59
C ASN A 116 12.58 17.36 11.99
N THR A 117 12.54 17.96 10.78
CA THR A 117 11.25 18.34 10.17
C THR A 117 10.92 17.63 8.87
N LYS A 118 11.67 16.61 8.52
CA LYS A 118 11.51 15.91 7.26
C LYS A 118 10.48 14.76 7.33
N ASN A 119 9.40 14.89 6.54
CA ASN A 119 8.41 13.83 6.34
C ASN A 119 7.67 13.49 7.63
N ILE A 120 7.36 14.50 8.42
CA ILE A 120 6.79 14.23 9.75
C ILE A 120 5.84 15.35 10.04
N VAL A 121 4.76 15.05 10.74
CA VAL A 121 3.64 15.99 10.89
C VAL A 121 3.99 17.17 11.80
N TYR A 122 4.69 16.87 12.89
CA TYR A 122 5.33 17.86 13.69
C TYR A 122 6.80 17.56 13.78
N PRO A 123 7.59 18.59 14.11
CA PRO A 123 9.01 18.40 14.33
C PRO A 123 9.26 17.20 15.31
N PHE A 124 10.25 16.39 14.98
CA PHE A 124 10.56 15.14 15.64
C PHE A 124 10.86 15.37 17.14
N ASP A 125 11.47 16.52 17.44
CA ASP A 125 11.76 16.88 18.79
C ASP A 125 10.57 17.26 19.66
N GLN A 126 9.36 17.29 19.10
CA GLN A 126 8.16 17.49 19.94
C GLN A 126 7.50 16.20 20.37
N TYR A 127 7.98 15.05 19.88
CA TYR A 127 7.49 13.76 20.34
C TYR A 127 8.38 13.20 21.43
N ILE A 128 7.78 12.69 22.49
CA ILE A 128 8.53 12.02 23.54
C ILE A 128 8.33 10.50 23.51
N ALA A 129 7.42 10.02 22.68
CA ALA A 129 7.25 8.61 22.54
C ALA A 129 6.82 8.29 21.08
N HIS A 130 7.29 7.13 20.65
CA HIS A 130 6.97 6.58 19.34
C HIS A 130 6.58 5.14 19.55
N TRP A 131 5.29 4.85 19.35
CA TRP A 131 4.70 3.54 19.58
C TRP A 131 4.32 2.87 18.25
N ILE A 132 4.52 1.57 18.21
CA ILE A 132 4.08 0.78 17.10
C ILE A 132 2.91 -0.04 17.52
N ILE A 133 1.84 0.05 16.78
CA ILE A 133 0.76 -0.94 16.92
C ILE A 133 0.98 -2.04 15.84
N GLY A 134 1.38 -3.24 16.29
CA GLY A 134 1.80 -4.36 15.40
C GLY A 134 0.71 -5.40 15.26
N TYR A 135 0.37 -5.69 14.01
CA TYR A 135 -0.68 -6.67 13.71
C TYR A 135 0.00 -7.80 12.95
N VAL A 136 -0.30 -9.02 13.37
CA VAL A 136 0.21 -10.20 12.73
C VAL A 136 -0.95 -11.10 12.43
N TYR A 137 -1.01 -11.61 11.21
CA TYR A 137 -2.09 -12.50 10.81
C TYR A 137 -1.53 -13.76 10.16
N THR A 138 -2.29 -14.83 10.24
CA THR A 138 -1.90 -16.01 9.53
C THR A 138 -2.62 -15.93 8.18
N ARG A 139 -1.85 -15.98 7.09
CA ARG A 139 -2.43 -15.97 5.73
C ARG A 139 -3.29 -17.21 5.48
N VAL A 140 -4.39 -17.02 4.73
CA VAL A 140 -5.33 -18.10 4.29
C VAL A 140 -5.52 -17.96 2.77
N ALA A 141 -5.47 -19.10 2.08
CA ALA A 141 -5.69 -19.18 0.64
C ALA A 141 -7.07 -18.66 0.19
N THR A 142 -7.09 -18.02 -0.98
CA THR A 142 -8.31 -17.44 -1.56
C THR A 142 -9.19 -18.56 -2.11
N ARG A 143 -10.37 -18.73 -1.49
CA ARG A 143 -11.43 -19.62 -2.00
C ARG A 143 -12.25 -18.88 -3.07
N LYS A 144 -12.97 -19.63 -3.90
CA LYS A 144 -13.82 -19.08 -4.99
C LYS A 144 -14.94 -18.18 -4.45
N SER A 145 -15.42 -18.52 -3.26
CA SER A 145 -16.43 -17.73 -2.57
CA SER A 145 -16.43 -17.74 -2.57
C SER A 145 -15.95 -16.28 -2.27
N SER A 146 -14.62 -16.03 -2.31
CA SER A 146 -14.11 -14.64 -2.23
C SER A 146 -14.42 -13.79 -3.49
N LEU A 147 -14.68 -14.44 -4.64
CA LEU A 147 -14.80 -13.78 -5.96
C LEU A 147 -16.17 -13.22 -6.30
N LYS A 148 -17.05 -13.14 -5.33
CA LYS A 148 -18.43 -12.85 -5.55
C LYS A 148 -18.82 -11.64 -4.67
N THR A 149 -19.89 -10.94 -4.96
CA THR A 149 -20.40 -9.99 -3.96
C THR A 149 -21.43 -10.62 -3.00
N TYR A 150 -21.70 -9.94 -1.89
CA TYR A 150 -22.56 -10.45 -0.85
C TYR A 150 -23.51 -9.35 -0.43
N ASN A 151 -24.53 -9.77 0.32
CA ASN A 151 -25.54 -8.91 0.89
C ASN A 151 -25.37 -8.92 2.37
N ILE A 152 -25.97 -7.97 3.07
CA ILE A 152 -25.84 -7.87 4.53
C ILE A 152 -26.35 -9.10 5.27
N ASN A 153 -27.49 -9.65 4.83
CA ASN A 153 -27.96 -10.93 5.38
C ASN A 153 -26.91 -12.05 5.30
N GLU A 154 -25.91 -11.94 4.41
CA GLU A 154 -24.86 -12.96 4.27
C GLU A 154 -23.54 -12.75 5.05
N LEU A 155 -23.42 -11.67 5.82
CA LEU A 155 -22.15 -11.28 6.51
C LEU A 155 -21.27 -12.42 7.07
N ASN A 156 -21.91 -13.33 7.80
CA ASN A 156 -21.17 -14.43 8.43
C ASN A 156 -20.80 -15.51 7.42
N GLU A 157 -21.36 -15.47 6.20
CA GLU A 157 -20.95 -16.42 5.11
C GLU A 157 -19.71 -15.98 4.34
N ILE A 158 -19.30 -14.71 4.51
CA ILE A 158 -18.19 -14.16 3.72
C ILE A 158 -16.91 -14.79 4.20
N PRO A 159 -16.12 -15.39 3.29
CA PRO A 159 -14.83 -15.95 3.73
C PRO A 159 -13.80 -14.84 4.09
N LYS A 160 -13.14 -15.02 5.24
CA LYS A 160 -12.13 -14.11 5.76
C LYS A 160 -10.76 -14.54 5.26
N PRO A 161 -9.92 -13.57 4.77
CA PRO A 161 -8.57 -13.88 4.24
C PRO A 161 -7.44 -14.13 5.27
N TYR A 162 -7.81 -14.30 6.54
CA TYR A 162 -6.86 -14.48 7.63
C TYR A 162 -7.39 -15.44 8.68
N LYS A 163 -6.46 -15.99 9.44
CA LYS A 163 -6.69 -16.72 10.69
C LYS A 163 -5.89 -16.00 11.78
N GLY A 164 -6.38 -16.10 13.01
CA GLY A 164 -5.60 -15.70 14.19
C GLY A 164 -4.78 -14.40 14.14
N VAL A 165 -5.48 -13.30 13.98
CA VAL A 165 -4.87 -12.01 14.08
C VAL A 165 -4.42 -11.78 15.53
N LYS A 166 -3.23 -11.21 15.73
CA LYS A 166 -2.74 -10.85 17.06
C LYS A 166 -2.24 -9.39 16.98
N VAL A 167 -2.39 -8.63 18.07
CA VAL A 167 -1.96 -7.22 18.08
C VAL A 167 -1.12 -6.93 19.32
N PHE A 168 -0.17 -6.03 19.18
CA PHE A 168 0.62 -5.54 20.26
C PHE A 168 0.82 -4.07 20.17
N LEU A 169 1.20 -3.49 21.28
CA LEU A 169 1.61 -2.09 21.37
C LEU A 169 2.95 -2.08 22.07
N GLN A 170 3.99 -1.58 21.37
CA GLN A 170 5.32 -1.48 21.90
C GLN A 170 6.04 -0.25 21.34
N ASP A 171 7.04 0.21 22.10
CA ASP A 171 7.82 1.38 21.73
C ASP A 171 8.65 0.96 20.55
N LYS A 172 8.82 1.90 19.60
CA LYS A 172 9.55 1.67 18.38
C LYS A 172 10.97 1.23 18.69
N TRP A 173 11.63 1.93 19.60
CA TRP A 173 13.04 1.64 19.85
C TRP A 173 13.24 0.24 20.41
N VAL A 174 12.28 -0.21 21.19
CA VAL A 174 12.38 -1.42 21.91
C VAL A 174 12.30 -2.65 20.99
N ILE A 175 11.54 -2.59 19.89
CA ILE A 175 11.42 -3.72 18.99
C ILE A 175 12.28 -3.60 17.73
N ALA A 176 13.00 -2.49 17.62
CA ALA A 176 13.93 -2.27 16.54
C ALA A 176 15.12 -3.22 16.57
N GLY A 177 15.58 -3.51 15.35
CA GLY A 177 16.68 -4.44 15.13
C GLY A 177 17.84 -3.67 14.61
N ASP A 178 18.82 -4.45 14.15
CA ASP A 178 20.07 -3.89 13.64
C ASP A 178 20.25 -4.09 12.13
N LEU A 179 19.25 -4.66 11.43
CA LEU A 179 19.36 -4.84 9.94
C LEU A 179 18.20 -4.11 9.22
N ALA A 180 18.50 -3.52 8.08
CA ALA A 180 17.50 -2.84 7.30
C ALA A 180 16.30 -3.75 7.02
N GLY A 181 15.11 -3.15 7.04
CA GLY A 181 13.89 -3.87 6.67
C GLY A 181 13.60 -3.77 5.17
N SER A 182 14.17 -2.79 4.53
CA SER A 182 14.06 -2.64 3.07
C SER A 182 15.32 -1.94 2.59
N GLY A 183 15.66 -2.16 1.32
CA GLY A 183 16.87 -1.61 0.73
C GLY A 183 16.65 -0.28 0.07
N ASN A 184 16.06 -0.30 -1.10
CA ASN A 184 15.94 0.92 -1.91
C ASN A 184 15.04 2.00 -1.24
N THR A 185 14.20 1.61 -0.29
CA THR A 185 13.41 2.58 0.48
C THR A 185 13.91 2.74 1.95
N THR A 186 15.14 2.31 2.21
CA THR A 186 15.92 2.64 3.44
C THR A 186 15.08 2.59 4.75
N ASN A 187 14.51 1.44 5.03
CA ASN A 187 13.73 1.23 6.25
C ASN A 187 14.52 0.49 7.35
N ILE A 188 14.24 0.92 8.57
CA ILE A 188 14.63 0.29 9.78
C ILE A 188 13.94 -1.09 9.82
N GLY A 189 14.68 -2.16 10.13
CA GLY A 189 14.09 -3.48 10.32
C GLY A 189 13.80 -3.65 11.80
N SER A 190 12.75 -4.41 12.14
CA SER A 190 12.50 -4.72 13.52
C SER A 190 13.39 -5.94 13.81
N ILE A 191 13.32 -6.41 15.04
CA ILE A 191 13.81 -7.71 15.37
C ILE A 191 13.02 -8.76 14.56
N HIS A 192 13.66 -9.92 14.38
CA HIS A 192 13.05 -11.07 13.73
C HIS A 192 12.93 -12.09 14.86
N ALA A 193 11.70 -12.40 15.22
CA ALA A 193 11.36 -12.94 16.53
C ALA A 193 9.88 -13.35 16.58
N HIS A 194 9.54 -14.10 17.60
CA HIS A 194 8.15 -14.53 17.83
C HIS A 194 7.40 -13.38 18.43
N TYR A 195 6.09 -13.41 18.24
CA TYR A 195 5.17 -12.39 18.75
C TYR A 195 5.42 -11.98 20.22
N LYS A 196 5.55 -12.96 21.11
CA LYS A 196 5.81 -12.67 22.49
C LYS A 196 7.02 -11.77 22.75
N ASP A 197 8.07 -11.85 21.91
CA ASP A 197 9.25 -11.07 22.17
C ASP A 197 8.98 -9.59 21.90
N PHE A 198 8.07 -9.30 20.96
CA PHE A 198 7.54 -7.98 20.70
C PHE A 198 6.73 -7.45 21.92
N VAL A 199 5.77 -8.28 22.37
CA VAL A 199 4.98 -7.98 23.55
C VAL A 199 5.87 -7.67 24.76
N GLU A 200 6.82 -8.55 25.02
CA GLU A 200 7.68 -8.40 26.19
C GLU A 200 8.80 -7.42 25.98
N GLY A 201 9.02 -6.96 24.75
CA GLY A 201 10.07 -6.00 24.45
C GLY A 201 11.50 -6.54 24.53
N LYS A 202 11.67 -7.78 24.08
CA LYS A 202 13.00 -8.41 24.02
C LYS A 202 13.71 -8.01 22.75
N GLY A 203 14.21 -6.77 22.73
CA GLY A 203 14.81 -6.13 21.57
C GLY A 203 16.34 -6.29 21.56
N ILE A 204 17.02 -5.50 20.75
CA ILE A 204 18.48 -5.50 20.81
C ILE A 204 19.15 -4.27 21.40
N PHE A 205 18.53 -3.09 21.28
CA PHE A 205 19.10 -1.87 21.81
C PHE A 205 18.95 -1.79 23.32
N ASP A 206 19.91 -1.15 23.96
CA ASP A 206 19.87 -1.00 25.41
C ASP A 206 19.08 0.22 25.87
N SER A 207 19.04 1.24 25.02
CA SER A 207 18.28 2.47 25.27
C SER A 207 17.78 3.02 23.98
N GLU A 208 16.83 3.94 24.10
CA GLU A 208 16.32 4.68 22.95
C GLU A 208 17.43 5.50 22.28
N ASP A 209 18.38 5.97 23.06
CA ASP A 209 19.49 6.75 22.47
C ASP A 209 20.38 5.88 21.59
N GLU A 210 20.62 4.65 21.98
CA GLU A 210 21.44 3.75 21.24
C GLU A 210 20.76 3.43 19.92
N PHE A 211 19.47 3.11 19.99
CA PHE A 211 18.62 2.97 18.80
C PHE A 211 18.77 4.12 17.83
N LEU A 212 18.62 5.34 18.32
CA LEU A 212 18.72 6.47 17.47
C LEU A 212 20.13 6.62 16.87
N ASP A 213 21.15 6.46 17.71
CA ASP A 213 22.53 6.67 17.25
C ASP A 213 22.88 5.57 16.20
N TYR A 214 22.46 4.34 16.45
CA TYR A 214 22.67 3.26 15.48
C TYR A 214 22.04 3.66 14.14
N TRP A 215 20.77 4.07 14.14
CA TRP A 215 20.11 4.28 12.86
C TRP A 215 20.47 5.64 12.23
N ARG A 216 20.93 6.61 13.04
CA ARG A 216 21.39 7.88 12.47
C ARG A 216 22.72 7.77 11.71
N ASN A 217 23.49 6.71 11.94
CA ASN A 217 24.79 6.51 11.36
C ASN A 217 24.91 5.15 10.57
N TYR A 218 23.78 4.49 10.33
CA TYR A 218 23.78 3.25 9.53
C TYR A 218 23.92 3.65 8.06
N GLU A 219 24.92 3.08 7.37
CA GLU A 219 25.09 3.36 5.94
C GLU A 219 24.10 2.54 5.08
N ARG A 220 23.88 2.99 3.84
CA ARG A 220 22.79 2.47 3.00
C ARG A 220 23.01 1.07 2.38
N THR A 221 24.26 0.67 2.16
CA THR A 221 24.61 -0.56 1.43
C THR A 221 25.66 -1.34 2.23
N SER A 222 25.71 -2.65 2.02
CA SER A 222 26.75 -3.49 2.59
C SER A 222 28.12 -2.94 2.29
N GLN A 223 28.35 -2.62 1.03
CA GLN A 223 29.57 -1.97 0.56
C GLN A 223 30.08 -0.99 1.61
N LEU A 224 29.22 -0.06 2.01
CA LEU A 224 29.56 0.98 3.01
C LEU A 224 29.55 0.44 4.45
N ARG A 225 28.59 -0.41 4.78
CA ARG A 225 28.55 -1.00 6.11
C ARG A 225 29.72 -1.99 6.37
N ASN A 226 30.47 -2.38 5.33
CA ASN A 226 31.60 -3.30 5.53
C ASN A 226 32.72 -2.72 6.36
N ASP A 227 33.02 -1.44 6.17
CA ASP A 227 34.13 -0.80 6.86
C ASP A 227 33.72 0.09 8.05
N LYS A 228 32.42 0.10 8.36
CA LYS A 228 31.86 0.87 9.46
C LYS A 228 31.10 -0.09 10.44
N TYR A 229 29.79 -0.28 10.29
CA TYR A 229 29.13 -1.37 11.01
C TYR A 229 27.91 -1.85 10.28
N ASN A 230 27.71 -3.13 10.44
CA ASN A 230 26.59 -3.91 9.87
C ASN A 230 25.58 -4.44 10.86
N ASN A 231 25.95 -4.56 12.12
CA ASN A 231 25.10 -5.06 13.14
C ASN A 231 25.45 -4.44 14.54
N ILE A 232 24.77 -4.89 15.57
CA ILE A 232 24.89 -4.27 16.86
C ILE A 232 26.27 -4.51 17.51
N SER A 233 26.86 -5.71 17.40
CA SER A 233 28.17 -5.95 17.94
C SER A 233 29.19 -5.05 17.28
N GLU A 234 29.11 -4.93 15.96
CA GLU A 234 29.99 -4.05 15.21
C GLU A 234 29.88 -2.57 15.55
N TYR A 235 28.64 -2.09 15.73
CA TYR A 235 28.37 -0.73 16.20
C TYR A 235 28.96 -0.56 17.59
N ARG A 236 28.76 -1.50 18.53
CA ARG A 236 29.38 -1.32 19.82
C ARG A 236 30.88 -1.20 19.75
N ASN A 237 31.53 -2.01 18.92
CA ASN A 237 32.98 -1.87 18.63
C ASN A 237 33.35 -0.50 18.04
N TRP A 238 32.62 -0.05 17.03
CA TRP A 238 32.81 1.28 16.43
C TRP A 238 32.73 2.46 17.47
N ILE A 239 31.76 2.32 18.38
CA ILE A 239 31.55 3.24 19.51
C ILE A 239 32.75 3.13 20.46
N TYR A 240 33.14 1.89 20.80
CA TYR A 240 34.25 1.68 21.74
C TYR A 240 35.49 2.37 21.26
N ARG A 241 35.76 2.22 19.96
CA ARG A 241 36.99 2.77 19.32
C ARG A 241 37.02 4.28 19.09
N GLY A 242 35.93 4.96 19.40
CA GLY A 242 35.80 6.38 19.11
C GLY A 242 35.10 6.75 17.82
N ARG A 243 34.11 5.96 17.41
CA ARG A 243 33.26 6.27 16.23
C ARG A 243 34.08 6.35 14.95
N LYS A 244 34.90 5.36 14.77
CA LYS A 244 35.79 5.28 13.61
C LYS A 244 36.21 3.82 13.45
N SER B 1 -17.00 -7.92 -26.92
CA SER B 1 -15.69 -8.60 -26.66
C SER B 1 -15.50 -8.70 -25.12
N LEU B 2 -14.54 -9.51 -24.68
CA LEU B 2 -14.15 -9.48 -23.32
C LEU B 2 -13.86 -8.02 -22.84
N ARG B 3 -13.01 -7.32 -23.60
CA ARG B 3 -12.62 -5.94 -23.29
C ARG B 3 -13.80 -5.02 -23.17
N SER B 4 -14.66 -5.02 -24.17
CA SER B 4 -15.80 -4.09 -24.22
C SER B 4 -16.83 -4.40 -23.07
N ASP B 5 -17.06 -5.68 -22.80
CA ASP B 5 -17.95 -6.06 -21.72
C ASP B 5 -17.35 -5.64 -20.34
N LEU B 6 -16.04 -5.82 -20.19
CA LEU B 6 -15.40 -5.45 -18.95
C LEU B 6 -15.46 -3.92 -18.72
N ILE B 7 -15.14 -3.11 -19.71
CA ILE B 7 -15.26 -1.67 -19.49
C ILE B 7 -16.67 -1.20 -19.21
N ASN B 8 -17.65 -1.69 -19.95
CA ASN B 8 -19.08 -1.38 -19.66
C ASN B 8 -19.44 -1.73 -18.24
N ALA B 9 -19.08 -2.94 -17.84
CA ALA B 9 -19.34 -3.47 -16.49
C ALA B 9 -18.64 -2.71 -15.38
N LEU B 10 -17.39 -2.24 -15.61
CA LEU B 10 -16.72 -1.35 -14.69
C LEU B 10 -17.36 0.04 -14.62
N TYR B 11 -17.77 0.62 -15.76
CA TYR B 11 -18.48 1.92 -15.75
C TYR B 11 -19.77 1.81 -14.95
N ASP B 12 -20.53 0.72 -15.15
CA ASP B 12 -21.84 0.52 -14.53
C ASP B 12 -21.73 0.29 -13.00
N GLU B 13 -20.81 -0.60 -12.57
CA GLU B 13 -20.59 -0.88 -11.18
C GLU B 13 -20.16 0.40 -10.43
N ASN B 14 -19.23 1.12 -11.02
CA ASN B 14 -18.84 2.44 -10.49
C ASN B 14 -19.95 3.52 -10.39
N GLN B 15 -20.87 3.60 -11.35
CA GLN B 15 -22.07 4.45 -11.24
C GLN B 15 -23.00 4.00 -10.14
N LYS B 16 -23.19 2.70 -10.03
CA LYS B 16 -24.16 2.18 -9.11
C LYS B 16 -23.74 2.16 -7.66
N TYR B 17 -22.48 1.86 -7.36
CA TYR B 17 -22.06 1.65 -5.96
C TYR B 17 -20.93 2.55 -5.52
N ASP B 18 -21.06 3.01 -4.27
CA ASP B 18 -20.11 3.89 -3.62
C ASP B 18 -19.66 3.19 -2.38
N VAL B 19 -18.46 2.61 -2.41
CA VAL B 19 -17.88 1.99 -1.24
C VAL B 19 -17.75 3.04 -0.16
N CYS B 20 -18.04 2.67 1.08
CA CYS B 20 -18.06 3.60 2.22
C CYS B 20 -17.52 3.04 3.54
N GLY B 21 -17.09 1.77 3.57
CA GLY B 21 -16.70 1.21 4.85
C GLY B 21 -16.11 -0.18 4.80
N ILE B 22 -15.45 -0.56 5.89
CA ILE B 22 -15.02 -1.89 6.13
C ILE B 22 -16.09 -2.43 7.03
N ILE B 23 -16.64 -3.59 6.69
CA ILE B 23 -17.58 -4.26 7.56
C ILE B 23 -17.03 -5.53 8.17
N SER B 24 -17.44 -5.78 9.44
CA SER B 24 -17.08 -6.97 10.19
C SER B 24 -18.20 -8.04 10.16
N ALA B 25 -17.87 -9.32 10.40
CA ALA B 25 -18.89 -10.40 10.41
C ALA B 25 -20.05 -10.08 11.36
N GLU B 26 -19.72 -9.43 12.45
CA GLU B 26 -20.66 -9.08 13.48
C GLU B 26 -21.46 -7.81 13.15
N GLY B 27 -21.32 -7.23 11.96
CA GLY B 27 -22.08 -6.03 11.59
C GLY B 27 -21.55 -4.65 11.95
N LYS B 28 -20.46 -4.54 12.70
CA LYS B 28 -19.84 -3.20 12.90
C LYS B 28 -19.05 -2.68 11.64
N ILE B 29 -19.19 -1.38 11.37
CA ILE B 29 -18.55 -0.79 10.21
C ILE B 29 -17.59 0.35 10.58
N TYR B 30 -16.40 0.28 9.99
CA TYR B 30 -15.29 1.22 10.21
C TYR B 30 -15.17 2.06 8.95
N PRO B 31 -15.08 3.40 9.10
CA PRO B 31 -15.02 4.20 7.91
C PRO B 31 -13.68 4.17 7.19
N LEU B 32 -13.75 4.61 5.94
CA LEU B 32 -12.60 4.68 5.04
C LEU B 32 -11.83 5.97 5.32
N GLY B 33 -10.51 5.99 5.10
CA GLY B 33 -9.75 7.28 4.96
C GLY B 33 -9.77 7.78 3.52
N SER B 34 -9.31 9.03 3.27
CA SER B 34 -9.29 9.60 1.89
C SER B 34 -7.92 9.85 1.28
N ASP B 35 -7.04 8.88 1.41
CA ASP B 35 -5.77 8.88 0.73
C ASP B 35 -5.70 7.65 -0.19
N THR B 36 -4.73 7.72 -1.07
CA THR B 36 -4.58 6.74 -2.13
C THR B 36 -4.14 5.41 -1.59
N LYS B 37 -3.39 5.37 -0.50
CA LYS B 37 -3.12 4.08 0.12
C LYS B 37 -4.45 3.36 0.38
N VAL B 38 -5.39 4.02 1.06
CA VAL B 38 -6.68 3.34 1.29
C VAL B 38 -7.39 3.03 -0.01
N LEU B 39 -7.49 4.04 -0.87
CA LEU B 39 -8.38 3.90 -2.02
C LEU B 39 -7.90 2.97 -3.10
N SER B 40 -6.60 2.88 -3.31
CA SER B 40 -6.11 1.97 -4.34
C SER B 40 -6.42 0.53 -3.95
N THR B 41 -6.22 0.20 -2.68
CA THR B 41 -6.67 -1.07 -2.14
C THR B 41 -8.16 -1.35 -2.30
N ILE B 42 -8.99 -0.37 -1.93
CA ILE B 42 -10.39 -0.50 -2.03
C ILE B 42 -10.81 -0.66 -3.50
N PHE B 43 -10.27 0.13 -4.43
CA PHE B 43 -10.71 0.06 -5.81
C PHE B 43 -10.36 -1.28 -6.45
N GLU B 44 -9.25 -1.85 -6.02
CA GLU B 44 -8.87 -3.17 -6.51
C GLU B 44 -9.83 -4.27 -6.01
N LEU B 45 -10.18 -4.28 -4.73
CA LEU B 45 -11.17 -5.24 -4.25
C LEU B 45 -12.53 -5.07 -4.90
N PHE B 46 -12.87 -3.81 -5.14
CA PHE B 46 -14.11 -3.44 -5.80
C PHE B 46 -14.19 -3.98 -7.23
N SER B 47 -13.07 -3.96 -7.94
CA SER B 47 -13.04 -4.43 -9.31
C SER B 47 -12.98 -5.95 -9.41
N ARG B 48 -12.62 -6.64 -8.33
CA ARG B 48 -12.37 -8.05 -8.44
C ARG B 48 -13.57 -8.92 -8.84
N PRO B 49 -14.75 -8.75 -8.19
CA PRO B 49 -15.91 -9.56 -8.68
C PRO B 49 -16.30 -9.29 -10.12
N ILE B 50 -16.28 -8.03 -10.55
CA ILE B 50 -16.61 -7.72 -11.93
C ILE B 50 -15.69 -8.39 -12.93
N ILE B 51 -14.39 -8.37 -12.65
CA ILE B 51 -13.42 -9.01 -13.52
C ILE B 51 -13.70 -10.51 -13.63
N ASN B 52 -13.98 -11.16 -12.50
CA ASN B 52 -14.23 -12.58 -12.50
C ASN B 52 -15.52 -12.93 -13.26
N LYS B 53 -16.53 -12.08 -13.10
CA LYS B 53 -17.83 -12.29 -13.76
C LYS B 53 -17.70 -12.29 -15.30
N ILE B 54 -17.09 -11.22 -15.79
CA ILE B 54 -16.94 -11.01 -17.20
C ILE B 54 -15.95 -12.05 -17.78
N ALA B 55 -14.85 -12.30 -17.11
CA ALA B 55 -13.93 -13.33 -17.54
C ALA B 55 -14.66 -14.69 -17.69
N GLU B 56 -15.51 -15.01 -16.73
CA GLU B 56 -16.26 -16.27 -16.75
C GLU B 56 -17.28 -16.26 -17.91
N LYS B 57 -17.98 -15.16 -18.14
CA LYS B 57 -18.82 -15.09 -19.34
C LYS B 57 -18.05 -15.34 -20.63
N HIS B 58 -16.74 -15.07 -20.69
CA HIS B 58 -15.98 -15.28 -21.92
C HIS B 58 -15.13 -16.53 -21.96
N GLY B 59 -15.11 -17.32 -20.90
CA GLY B 59 -14.29 -18.55 -20.84
C GLY B 59 -12.86 -18.40 -20.40
N TYR B 60 -12.61 -17.41 -19.57
CA TYR B 60 -11.24 -17.13 -19.15
C TYR B 60 -11.16 -17.52 -17.70
N ILE B 61 -10.13 -18.25 -17.33
CA ILE B 61 -9.75 -18.43 -15.97
C ILE B 61 -9.13 -17.12 -15.45
N VAL B 62 -9.36 -16.79 -14.17
CA VAL B 62 -8.67 -15.66 -13.49
C VAL B 62 -7.73 -16.21 -12.43
N GLU B 63 -6.48 -15.74 -12.44
CA GLU B 63 -5.57 -15.99 -11.35
C GLU B 63 -4.99 -14.69 -10.83
N GLU B 64 -4.88 -14.65 -9.52
CA GLU B 64 -4.20 -13.59 -8.82
C GLU B 64 -2.83 -14.11 -8.46
N PRO B 65 -1.92 -13.21 -8.10
CA PRO B 65 -0.61 -13.66 -7.71
C PRO B 65 -0.66 -14.44 -6.42
N LYS B 66 0.25 -15.39 -6.26
CA LYS B 66 0.54 -15.97 -4.95
C LYS B 66 1.59 -15.13 -4.24
N GLN B 67 2.67 -14.76 -4.91
CA GLN B 67 3.65 -13.91 -4.26
C GLN B 67 3.20 -12.43 -4.30
N GLN B 68 3.48 -11.69 -3.23
CA GLN B 68 2.88 -10.38 -3.07
C GLN B 68 3.49 -9.21 -3.88
N ASN B 69 4.65 -9.41 -4.48
CA ASN B 69 5.28 -8.40 -5.33
C ASN B 69 5.50 -8.96 -6.74
N HIS B 70 4.49 -9.68 -7.20
CA HIS B 70 4.40 -10.12 -8.59
C HIS B 70 3.24 -9.39 -9.30
N TYR B 71 3.56 -8.87 -10.48
CA TYR B 71 2.58 -8.45 -11.49
C TYR B 71 2.01 -9.67 -12.23
N PRO B 72 0.78 -9.62 -12.75
CA PRO B 72 -0.17 -8.53 -12.59
C PRO B 72 -1.25 -8.86 -11.55
N ASP B 73 -2.10 -7.88 -11.25
CA ASP B 73 -3.18 -8.10 -10.31
C ASP B 73 -4.08 -9.25 -10.75
N PHE B 74 -4.40 -9.33 -12.05
CA PHE B 74 -5.24 -10.38 -12.53
C PHE B 74 -4.64 -10.90 -13.83
N THR B 75 -4.61 -12.25 -13.91
CA THR B 75 -4.15 -12.94 -15.09
C THR B 75 -5.33 -13.70 -15.63
N LEU B 76 -5.72 -13.35 -16.87
CA LEU B 76 -6.78 -14.06 -17.60
C LEU B 76 -6.19 -14.93 -18.68
N TYR B 77 -6.76 -16.12 -18.84
CA TYR B 77 -6.41 -16.99 -19.95
C TYR B 77 -7.44 -18.07 -20.12
N LYS B 78 -7.82 -18.34 -21.38
CA LYS B 78 -8.55 -19.59 -21.71
C LYS B 78 -7.62 -20.76 -21.55
N PRO B 79 -8.09 -21.86 -20.94
CA PRO B 79 -7.22 -23.01 -20.65
C PRO B 79 -6.67 -23.70 -21.92
N SER B 80 -7.42 -23.63 -23.01
CA SER B 80 -7.01 -24.13 -24.31
C SER B 80 -5.87 -23.36 -24.99
N GLU B 81 -5.69 -22.07 -24.64
CA GLU B 81 -4.63 -21.26 -25.19
C GLU B 81 -3.86 -20.59 -24.08
N PRO B 82 -3.12 -21.38 -23.31
CA PRO B 82 -2.35 -20.84 -22.18
C PRO B 82 -1.28 -19.88 -22.57
N ASN B 83 -0.87 -19.87 -23.83
CA ASN B 83 0.14 -18.93 -24.26
C ASN B 83 -0.40 -17.59 -24.78
N LYS B 84 -1.70 -17.36 -24.59
CA LYS B 84 -2.33 -16.11 -24.94
C LYS B 84 -3.01 -15.42 -23.71
N LYS B 85 -2.22 -15.20 -22.68
CA LYS B 85 -2.71 -14.59 -21.44
C LYS B 85 -2.91 -13.09 -21.54
N ILE B 86 -3.81 -12.60 -20.70
CA ILE B 86 -4.09 -11.19 -20.54
C ILE B 86 -3.87 -10.71 -19.11
N ALA B 87 -3.13 -9.61 -19.01
CA ALA B 87 -2.71 -9.05 -17.75
C ALA B 87 -3.57 -7.83 -17.55
N ILE B 88 -4.13 -7.75 -16.35
CA ILE B 88 -4.91 -6.62 -15.91
C ILE B 88 -4.34 -6.09 -14.60
N ASP B 89 -4.02 -4.83 -14.59
CA ASP B 89 -3.47 -4.23 -13.41
C ASP B 89 -4.31 -3.01 -13.10
N ILE B 90 -4.55 -2.78 -11.83
CA ILE B 90 -5.39 -1.69 -11.35
C ILE B 90 -4.56 -0.53 -10.78
N LYS B 91 -4.82 0.69 -11.25
CA LYS B 91 -4.02 1.87 -10.84
C LYS B 91 -4.93 2.97 -10.43
N THR B 92 -4.48 3.72 -9.43
CA THR B 92 -5.26 4.77 -8.81
C THR B 92 -4.49 6.06 -8.69
N THR B 93 -5.13 7.17 -8.95
CA THR B 93 -4.58 8.46 -8.63
C THR B 93 -5.70 9.38 -8.28
N TYR B 94 -5.37 10.58 -7.81
CA TYR B 94 -6.38 11.52 -7.35
C TYR B 94 -6.24 12.83 -8.12
N THR B 95 -7.30 13.64 -8.08
CA THR B 95 -7.23 15.05 -8.37
C THR B 95 -7.83 15.85 -7.23
N ASN B 96 -7.53 17.16 -7.25
CA ASN B 96 -8.13 18.13 -6.31
C ASN B 96 -9.47 18.66 -6.80
N LYS B 97 -9.46 19.05 -8.05
CA LYS B 97 -10.59 19.64 -8.71
C LYS B 97 -10.83 18.74 -9.88
N GLU B 98 -12.06 18.72 -10.38
CA GLU B 98 -12.38 17.90 -11.53
C GLU B 98 -11.76 18.50 -12.80
N ASN B 99 -11.19 17.62 -13.61
CA ASN B 99 -10.55 17.97 -14.88
C ASN B 99 -9.33 18.90 -14.84
N GLU B 100 -8.48 18.62 -13.85
CA GLU B 100 -7.06 18.91 -13.94
C GLU B 100 -6.42 17.65 -14.60
N LYS B 101 -5.15 17.79 -14.98
CA LYS B 101 -4.39 16.69 -15.52
C LYS B 101 -3.99 15.73 -14.39
N ILE B 102 -3.88 14.46 -14.77
CA ILE B 102 -3.48 13.36 -13.89
C ILE B 102 -2.41 12.50 -14.56
N LYS B 103 -1.69 11.75 -13.74
CA LYS B 103 -0.67 10.83 -14.14
C LYS B 103 -0.67 9.68 -13.16
N PHE B 104 -0.30 8.52 -13.66
CA PHE B 104 -0.21 7.29 -12.93
C PHE B 104 1.21 6.80 -12.93
N THR B 105 1.49 5.93 -11.97
CA THR B 105 2.68 5.09 -12.00
C THR B 105 2.25 3.76 -12.53
N LEU B 106 2.91 3.25 -13.56
CA LEU B 106 2.45 2.06 -14.28
C LEU B 106 3.36 0.86 -14.08
N GLY B 107 4.10 0.81 -12.98
CA GLY B 107 4.85 -0.42 -12.64
C GLY B 107 6.30 -0.27 -13.09
N GLY B 108 7.09 -1.25 -12.69
CA GLY B 108 8.53 -1.22 -12.92
C GLY B 108 8.96 -1.17 -14.37
N TYR B 109 10.09 -0.49 -14.67
CA TYR B 109 10.74 -0.66 -15.96
C TYR B 109 11.93 -1.62 -15.94
N THR B 110 12.35 -2.08 -14.75
CA THR B 110 13.51 -2.98 -14.64
C THR B 110 13.25 -4.41 -14.28
N SER B 111 11.97 -4.80 -14.20
CA SER B 111 11.58 -6.18 -13.83
C SER B 111 11.30 -7.09 -15.06
N PHE B 112 10.10 -7.64 -15.13
CA PHE B 112 9.67 -8.46 -16.22
C PHE B 112 9.86 -7.87 -17.67
N ILE B 113 9.80 -6.54 -17.87
CA ILE B 113 10.10 -6.01 -19.25
C ILE B 113 11.56 -6.26 -19.64
N ARG B 114 12.46 -6.41 -18.67
CA ARG B 114 13.85 -6.72 -18.98
C ARG B 114 14.25 -8.14 -18.75
N ASN B 115 13.52 -8.86 -17.91
CA ASN B 115 13.77 -10.25 -17.59
C ASN B 115 12.45 -10.99 -17.58
N ASN B 116 12.31 -11.87 -18.53
CA ASN B 116 11.07 -12.54 -18.79
C ASN B 116 10.33 -13.17 -17.58
N THR B 117 11.02 -13.57 -16.50
CA THR B 117 10.37 -14.23 -15.36
C THR B 117 10.44 -13.50 -14.01
N LYS B 118 10.80 -12.25 -13.97
CA LYS B 118 11.06 -11.65 -12.70
C LYS B 118 9.83 -10.85 -12.25
N ASN B 119 9.35 -11.16 -11.05
CA ASN B 119 8.24 -10.46 -10.42
C ASN B 119 6.98 -10.50 -11.26
N ILE B 120 6.75 -11.65 -11.89
CA ILE B 120 5.61 -11.84 -12.77
C ILE B 120 5.03 -13.23 -12.60
N VAL B 121 3.70 -13.33 -12.61
CA VAL B 121 3.03 -14.61 -12.25
C VAL B 121 3.38 -15.72 -13.24
N TYR B 122 3.25 -15.41 -14.53
CA TYR B 122 3.72 -16.21 -15.66
C TYR B 122 4.79 -15.46 -16.44
N PRO B 123 5.60 -16.19 -17.21
CA PRO B 123 6.61 -15.53 -17.98
C PRO B 123 6.02 -14.42 -18.90
N PHE B 124 6.70 -13.30 -19.05
CA PHE B 124 6.12 -12.13 -19.73
C PHE B 124 5.68 -12.46 -21.17
N ASP B 125 6.46 -13.32 -21.84
CA ASP B 125 6.20 -13.71 -23.21
C ASP B 125 4.94 -14.57 -23.36
N GLN B 126 4.31 -15.04 -22.27
CA GLN B 126 3.00 -15.70 -22.40
C GLN B 126 1.81 -14.70 -22.39
N TYR B 127 2.06 -13.41 -22.13
CA TYR B 127 0.98 -12.44 -22.22
C TYR B 127 0.92 -11.76 -23.59
N ILE B 128 -0.29 -11.64 -24.13
CA ILE B 128 -0.51 -11.00 -25.43
C ILE B 128 -1.17 -9.63 -25.29
N ALA B 129 -1.44 -9.22 -24.05
CA ALA B 129 -2.11 -7.97 -23.74
C ALA B 129 -1.91 -7.58 -22.28
N HIS B 130 -1.70 -6.27 -22.06
CA HIS B 130 -1.50 -5.64 -20.77
C HIS B 130 -2.45 -4.45 -20.61
N TRP B 131 -3.52 -4.62 -19.81
CA TRP B 131 -4.54 -3.64 -19.61
C TRP B 131 -4.43 -3.01 -18.27
N ILE B 132 -4.59 -1.69 -18.27
CA ILE B 132 -4.72 -0.86 -17.09
C ILE B 132 -6.16 -0.46 -16.85
N ILE B 133 -6.70 -0.80 -15.69
CA ILE B 133 -7.94 -0.20 -15.20
C ILE B 133 -7.54 0.94 -14.28
N GLY B 134 -7.76 2.17 -14.72
CA GLY B 134 -7.40 3.38 -13.93
C GLY B 134 -8.58 4.01 -13.18
N TYR B 135 -8.37 4.31 -11.90
CA TYR B 135 -9.37 4.95 -11.07
C TYR B 135 -8.81 6.35 -10.70
N VAL B 136 -9.60 7.37 -10.99
CA VAL B 136 -9.25 8.72 -10.63
C VAL B 136 -10.35 9.16 -9.69
N TYR B 137 -10.00 9.53 -8.46
CA TYR B 137 -10.95 10.06 -7.49
C TYR B 137 -10.66 11.57 -7.23
N THR B 138 -11.69 12.35 -7.00
CA THR B 138 -11.52 13.72 -6.60
C THR B 138 -11.43 13.67 -5.07
N ARG B 139 -10.31 14.13 -4.51
CA ARG B 139 -10.05 14.02 -3.09
C ARG B 139 -11.05 14.92 -2.33
N VAL B 140 -11.57 14.43 -1.22
CA VAL B 140 -12.63 15.17 -0.53
C VAL B 140 -11.94 15.85 0.63
N ALA B 141 -12.07 17.17 0.70
CA ALA B 141 -11.24 18.00 1.58
C ALA B 141 -11.43 17.79 3.11
N THR B 142 -12.35 16.92 3.54
CA THR B 142 -12.37 16.41 4.94
C THR B 142 -11.16 15.51 5.23
N ARG B 143 -10.02 16.14 5.51
CA ARG B 143 -8.86 15.47 6.11
C ARG B 143 -8.94 15.50 7.65
N LYS B 144 -10.05 16.01 8.18
CA LYS B 144 -10.60 15.58 9.48
C LYS B 144 -11.68 14.54 9.15
N SER B 145 -11.18 13.34 8.81
CA SER B 145 -11.98 12.16 8.50
C SER B 145 -12.81 11.72 9.72
N SER B 146 -13.67 10.71 9.53
CA SER B 146 -14.59 10.28 10.58
C SER B 146 -13.99 9.21 11.47
N LEU B 147 -14.11 9.43 12.78
CA LEU B 147 -13.36 8.71 13.79
C LEU B 147 -14.32 8.05 14.75
N LYS B 148 -15.40 7.52 14.20
CA LYS B 148 -16.35 6.70 14.93
C LYS B 148 -16.72 5.48 14.06
N THR B 149 -17.53 4.58 14.64
CA THR B 149 -18.06 3.42 13.96
C THR B 149 -19.60 3.42 13.84
N TYR B 150 -20.08 2.61 12.92
CA TYR B 150 -21.46 2.64 12.53
C TYR B 150 -22.02 1.24 12.46
N ASN B 151 -23.35 1.16 12.52
CA ASN B 151 -24.12 -0.08 12.40
C ASN B 151 -24.73 -0.08 11.01
N ILE B 152 -25.28 -1.23 10.61
CA ILE B 152 -25.86 -1.41 9.23
C ILE B 152 -27.03 -0.50 8.89
N ASN B 153 -27.66 0.16 9.87
CA ASN B 153 -28.71 1.15 9.60
C ASN B 153 -28.29 2.62 9.48
N GLU B 154 -26.98 2.86 9.69
CA GLU B 154 -26.40 4.18 9.52
C GLU B 154 -25.51 4.28 8.30
N LEU B 155 -25.64 3.36 7.36
CA LEU B 155 -24.80 3.35 6.15
C LEU B 155 -24.80 4.69 5.41
N ASN B 156 -25.98 5.26 5.32
CA ASN B 156 -26.18 6.60 4.76
C ASN B 156 -25.46 7.74 5.48
N GLU B 157 -25.05 7.56 6.73
CA GLU B 157 -24.33 8.60 7.51
C GLU B 157 -22.82 8.61 7.34
N ILE B 158 -22.30 7.54 6.71
CA ILE B 158 -20.87 7.28 6.70
C ILE B 158 -20.24 8.19 5.65
N PRO B 159 -19.35 9.13 6.06
CA PRO B 159 -18.78 10.01 5.03
C PRO B 159 -17.97 9.20 3.99
N LYS B 160 -18.15 9.53 2.70
CA LYS B 160 -17.41 8.86 1.64
C LYS B 160 -16.12 9.65 1.45
N PRO B 161 -14.99 8.99 1.24
CA PRO B 161 -13.72 9.66 1.13
C PRO B 161 -13.36 10.12 -0.30
N TYR B 162 -14.33 10.40 -1.15
CA TYR B 162 -14.09 10.94 -2.48
C TYR B 162 -15.27 11.79 -2.86
N LYS B 163 -15.05 12.78 -3.71
CA LYS B 163 -16.09 13.72 -4.18
C LYS B 163 -16.72 13.14 -5.45
N GLY B 164 -15.90 12.51 -6.30
CA GLY B 164 -16.36 11.63 -7.41
C GLY B 164 -15.24 10.64 -7.80
N VAL B 165 -15.58 9.67 -8.66
CA VAL B 165 -14.65 8.65 -9.14
C VAL B 165 -15.02 8.39 -10.58
N LYS B 166 -14.00 8.19 -11.41
CA LYS B 166 -14.15 7.76 -12.80
C LYS B 166 -13.19 6.63 -13.03
N VAL B 167 -13.52 5.83 -14.01
CA VAL B 167 -12.73 4.64 -14.31
C VAL B 167 -12.55 4.47 -15.82
N PHE B 168 -11.39 3.98 -16.23
CA PHE B 168 -11.14 3.60 -17.61
C PHE B 168 -10.39 2.29 -17.68
N LEU B 169 -10.45 1.71 -18.86
CA LEU B 169 -9.67 0.52 -19.18
C LEU B 169 -8.93 0.84 -20.46
N GLN B 170 -7.62 0.76 -20.42
CA GLN B 170 -6.84 1.07 -21.60
C GLN B 170 -5.60 0.19 -21.64
N ASP B 171 -5.02 0.01 -22.82
CA ASP B 171 -3.78 -0.72 -22.89
C ASP B 171 -2.64 0.08 -22.24
N LYS B 172 -1.74 -0.66 -21.61
CA LYS B 172 -0.66 -0.05 -20.83
C LYS B 172 0.26 0.85 -21.73
N TRP B 173 0.65 0.30 -22.86
CA TRP B 173 1.57 1.01 -23.79
C TRP B 173 1.00 2.35 -24.28
N VAL B 174 -0.30 2.35 -24.50
CA VAL B 174 -1.00 3.48 -25.11
C VAL B 174 -0.92 4.72 -24.21
N ILE B 175 -1.06 4.52 -22.91
CA ILE B 175 -1.09 5.59 -21.96
C ILE B 175 0.28 5.79 -21.28
N ALA B 176 1.29 5.02 -21.67
CA ALA B 176 2.60 5.13 -21.12
C ALA B 176 3.24 6.43 -21.64
N GLY B 177 3.94 7.12 -20.73
CA GLY B 177 4.71 8.34 -21.03
C GLY B 177 6.21 8.05 -21.20
N ASP B 178 7.04 9.12 -21.28
CA ASP B 178 8.49 8.93 -21.46
C ASP B 178 9.32 9.34 -20.22
N LEU B 179 8.65 9.66 -19.12
CA LEU B 179 9.33 10.19 -17.90
C LEU B 179 9.01 9.30 -16.74
N ALA B 180 10.01 8.93 -15.96
CA ALA B 180 9.82 7.96 -14.86
C ALA B 180 8.70 8.39 -13.93
N GLY B 181 7.87 7.44 -13.52
CA GLY B 181 6.83 7.76 -12.57
C GLY B 181 7.29 7.80 -11.13
N SER B 182 8.40 7.16 -10.82
CA SER B 182 9.04 7.21 -9.54
C SER B 182 10.54 6.99 -9.69
N GLY B 183 11.31 7.39 -8.66
CA GLY B 183 12.78 7.35 -8.73
C GLY B 183 13.37 6.03 -8.19
N ASN B 184 13.45 5.91 -6.87
CA ASN B 184 14.14 4.77 -6.24
C ASN B 184 13.40 3.43 -6.55
N THR B 185 12.08 3.49 -6.84
CA THR B 185 11.32 2.28 -7.23
C THR B 185 11.06 2.13 -8.79
N THR B 186 11.76 2.92 -9.60
CA THR B 186 11.93 2.68 -11.03
C THR B 186 10.63 2.27 -11.80
N ASN B 187 9.62 3.13 -11.68
CA ASN B 187 8.34 2.96 -12.33
C ASN B 187 8.27 3.77 -13.61
N ILE B 188 7.56 3.18 -14.57
CA ILE B 188 7.05 3.88 -15.76
C ILE B 188 6.05 4.99 -15.37
N GLY B 189 6.27 6.22 -15.84
CA GLY B 189 5.28 7.32 -15.75
C GLY B 189 4.29 7.18 -16.90
N SER B 190 3.02 7.33 -16.59
CA SER B 190 1.99 7.44 -17.64
C SER B 190 2.18 8.81 -18.32
N ILE B 191 1.33 9.11 -19.28
CA ILE B 191 1.19 10.48 -19.76
C ILE B 191 0.64 11.32 -18.63
N HIS B 192 0.87 12.64 -18.75
CA HIS B 192 0.36 13.65 -17.83
C HIS B 192 -0.71 14.35 -18.61
N ALA B 193 -1.98 13.96 -18.41
CA ALA B 193 -3.05 14.42 -19.33
C ALA B 193 -4.40 14.34 -18.65
N HIS B 194 -5.44 14.80 -19.35
CA HIS B 194 -6.79 14.76 -18.80
C HIS B 194 -7.32 13.39 -18.97
N TYR B 195 -8.29 13.07 -18.12
CA TYR B 195 -8.88 11.77 -18.05
C TYR B 195 -9.37 11.31 -19.45
N LYS B 196 -9.91 12.20 -20.26
CA LYS B 196 -10.43 11.78 -21.59
C LYS B 196 -9.35 11.28 -22.56
N ASP B 197 -8.15 11.81 -22.40
CA ASP B 197 -6.97 11.33 -23.14
C ASP B 197 -6.65 9.85 -22.82
N PHE B 198 -6.81 9.46 -21.57
CA PHE B 198 -6.61 8.08 -21.20
C PHE B 198 -7.71 7.19 -21.81
N VAL B 199 -8.96 7.64 -21.74
CA VAL B 199 -10.06 6.87 -22.31
C VAL B 199 -9.87 6.80 -23.83
N GLU B 200 -9.54 7.92 -24.44
CA GLU B 200 -9.44 7.99 -25.88
C GLU B 200 -8.12 7.39 -26.40
N GLY B 201 -7.15 7.15 -25.52
CA GLY B 201 -5.88 6.52 -25.93
C GLY B 201 -4.99 7.46 -26.71
N LYS B 202 -4.89 8.70 -26.25
CA LYS B 202 -4.05 9.71 -26.89
C LYS B 202 -2.70 9.77 -26.22
N GLY B 203 -1.82 8.91 -26.68
CA GLY B 203 -0.51 8.74 -26.10
C GLY B 203 0.59 9.43 -26.85
N ILE B 204 1.82 9.00 -26.56
CA ILE B 204 3.01 9.49 -27.25
C ILE B 204 3.74 8.41 -28.06
N PHE B 205 3.58 7.14 -27.71
CA PHE B 205 4.33 6.13 -28.37
C PHE B 205 3.70 5.80 -29.69
N ASP B 206 4.51 5.52 -30.71
CA ASP B 206 3.97 5.11 -32.00
C ASP B 206 3.48 3.69 -32.03
N SER B 207 3.94 2.87 -31.09
CA SER B 207 3.67 1.45 -31.11
C SER B 207 4.04 0.94 -29.72
N GLU B 208 3.47 -0.21 -29.40
CA GLU B 208 3.81 -0.99 -28.25
C GLU B 208 5.28 -1.49 -28.39
N ASP B 209 5.78 -1.72 -29.59
CA ASP B 209 7.26 -2.01 -29.76
C ASP B 209 8.12 -0.80 -29.23
N GLU B 210 7.78 0.41 -29.67
CA GLU B 210 8.44 1.59 -29.23
C GLU B 210 8.38 1.79 -27.72
N PHE B 211 7.18 1.61 -27.14
CA PHE B 211 7.02 1.71 -25.68
C PHE B 211 7.94 0.74 -24.94
N LEU B 212 7.93 -0.54 -25.31
CA LEU B 212 8.77 -1.54 -24.65
C LEU B 212 10.23 -1.18 -24.77
N ASP B 213 10.69 -0.88 -25.98
CA ASP B 213 12.11 -0.61 -26.19
C ASP B 213 12.58 0.66 -25.44
N TYR B 214 11.75 1.67 -25.43
CA TYR B 214 12.00 2.85 -24.67
C TYR B 214 12.24 2.54 -23.21
N TRP B 215 11.31 1.79 -22.60
CA TRP B 215 11.40 1.53 -21.15
C TRP B 215 12.48 0.46 -20.80
N ARG B 216 12.66 -0.52 -21.69
CA ARG B 216 13.78 -1.47 -21.63
C ARG B 216 15.19 -0.85 -21.61
N ASN B 217 15.35 0.36 -22.15
CA ASN B 217 16.65 0.97 -22.32
C ASN B 217 16.76 2.32 -21.69
N TYR B 218 15.79 2.63 -20.85
CA TYR B 218 15.84 3.85 -20.09
C TYR B 218 16.79 3.67 -18.91
N GLU B 219 17.70 4.62 -18.70
CA GLU B 219 18.64 4.59 -17.57
C GLU B 219 18.03 5.15 -16.34
N ARG B 220 18.58 4.71 -15.23
CA ARG B 220 17.95 4.89 -13.92
C ARG B 220 18.02 6.31 -13.34
N THR B 221 19.05 7.08 -13.72
CA THR B 221 19.24 8.47 -13.26
C THR B 221 19.46 9.47 -14.38
N SER B 222 19.38 10.74 -14.03
CA SER B 222 19.66 11.83 -14.98
C SER B 222 21.05 11.77 -15.61
N GLN B 223 22.06 11.45 -14.82
CA GLN B 223 23.43 11.60 -15.29
C GLN B 223 23.61 10.52 -16.36
N LEU B 224 23.21 9.29 -16.02
CA LEU B 224 23.25 8.21 -16.97
C LEU B 224 22.38 8.49 -18.20
N ARG B 225 21.16 8.99 -17.97
CA ARG B 225 20.22 9.29 -19.07
C ARG B 225 20.76 10.36 -20.03
N ASN B 226 21.41 11.39 -19.49
CA ASN B 226 21.97 12.51 -20.27
C ASN B 226 22.89 12.15 -21.41
N ASP B 227 23.56 10.99 -21.32
CA ASP B 227 24.30 10.41 -22.45
C ASP B 227 23.56 9.51 -23.42
N LYS B 228 22.26 9.29 -23.19
CA LYS B 228 21.52 8.32 -23.94
C LYS B 228 20.23 9.02 -24.47
N TYR B 229 19.24 9.18 -23.59
CA TYR B 229 18.00 9.89 -23.81
C TYR B 229 17.23 10.09 -22.50
N ASN B 230 16.52 11.21 -22.44
CA ASN B 230 15.68 11.61 -21.33
C ASN B 230 14.20 11.73 -21.67
N ASN B 231 13.85 11.53 -22.95
CA ASN B 231 12.50 11.72 -23.41
C ASN B 231 12.37 11.03 -24.77
N ILE B 232 11.18 11.09 -25.33
CA ILE B 232 10.90 10.26 -26.51
C ILE B 232 11.68 10.80 -27.76
N SER B 233 11.81 12.12 -27.90
CA SER B 233 12.60 12.68 -29.04
C SER B 233 14.04 12.28 -28.99
N GLU B 234 14.63 12.24 -27.81
CA GLU B 234 16.02 11.82 -27.65
C GLU B 234 16.16 10.30 -27.87
N TYR B 235 15.14 9.54 -27.47
CA TYR B 235 15.11 8.10 -27.76
C TYR B 235 15.15 7.82 -29.29
N ARG B 236 14.29 8.52 -30.06
CA ARG B 236 14.25 8.43 -31.52
C ARG B 236 15.59 8.81 -32.15
N ASN B 237 16.23 9.87 -31.62
CA ASN B 237 17.59 10.26 -32.01
C ASN B 237 18.60 9.14 -31.64
N TRP B 238 18.47 8.52 -30.47
CA TRP B 238 19.29 7.37 -30.05
C TRP B 238 19.16 6.18 -30.96
N ILE B 239 17.93 5.97 -31.42
CA ILE B 239 17.61 4.95 -32.40
C ILE B 239 18.38 5.29 -33.72
N TYR B 240 18.27 6.51 -34.20
CA TYR B 240 18.95 6.93 -35.42
C TYR B 240 20.48 6.78 -35.30
N ARG B 241 21.04 7.01 -34.13
CA ARG B 241 22.48 6.88 -33.98
C ARG B 241 23.03 5.45 -34.01
N GLY B 242 22.15 4.43 -33.95
CA GLY B 242 22.58 3.03 -33.91
C GLY B 242 22.43 2.35 -32.54
N ARG B 243 21.55 2.88 -31.67
CA ARG B 243 21.38 2.40 -30.28
C ARG B 243 22.67 2.61 -29.53
N LYS B 244 23.13 3.86 -29.57
CA LYS B 244 24.37 4.23 -28.92
C LYS B 244 24.46 5.77 -29.02
#